data_4TNM
#
_entry.id   4TNM
#
_cell.length_a   127.518
_cell.length_b   127.518
_cell.length_c   89.782
_cell.angle_alpha   90.000
_cell.angle_beta   90.000
_cell.angle_gamma   120.000
#
_symmetry.space_group_name_H-M   'H 3'
#
_entity_poly.entity_id   1
_entity_poly.type   'polypeptide(L)'
_entity_poly.pdbx_seq_one_letter_code
;MSLRPSAKTEVRRNRYKVAVDAEEGRRRREDNLVEIRKNKREENLQKKRFTSSMAFGSATGQTEQDLSSANQLKDNLPAM
VAGIWSEDSNSQLEATNLLRKLLSIEQNPPINEVVQSGVVPRVVKFLSRDDFPKLQFEAAWALTNIASGTSENTNVIIES
GAVPIFIQLLSSASEDVREQAVWALGNVAGDSPKCRDLVLSYGAMTPLLSQFNENTKLSMLRNATWTLSNFCRGKPPPAF
EQTQPALPVLERLVQSMDEEVLTDACWALSYLSDNSNDKIQAVIEAGVVPRLIQLLGHSSPSVLIPALRTIGNIVTGDDL
QTQMVLDQQALPCLLNLLKNNYKKSIKKEACWTISNITAGNADQIQAVIDAGIIQSLVWVLQSAEFEVKKEAAWGISNAT
SGGTHDQIKFMVSQGCIKPLCDLLTCPDLKVVTVCLEALENILVVGEAEKNLGHTGEDNLYAQMIDEAEGLEKIENLQSH
DNNDIYDKAVKILETFWTEDNEEEGNDENHAPQSGFQFGSTNVPPGQFNFI
;
_entity_poly.pdbx_strand_id   A
#
# COMPACT_ATOMS: atom_id res chain seq x y z
N PRO A 78 -40.57 11.02 3.06
CA PRO A 78 -41.52 12.13 3.11
C PRO A 78 -42.97 11.70 3.38
N ALA A 79 -43.53 10.82 2.54
CA ALA A 79 -44.89 10.32 2.72
C ALA A 79 -45.03 8.94 2.09
N MET A 80 -44.10 8.05 2.44
CA MET A 80 -44.02 6.72 1.83
C MET A 80 -45.07 5.76 2.41
N VAL A 81 -45.56 4.88 1.56
CA VAL A 81 -46.37 3.73 1.97
C VAL A 81 -45.58 2.48 1.62
N ALA A 82 -45.27 1.66 2.62
CA ALA A 82 -44.51 0.43 2.40
C ALA A 82 -45.43 -0.72 2.00
N GLY A 83 -45.98 -0.64 0.79
CA GLY A 83 -46.87 -1.67 0.25
C GLY A 83 -46.11 -2.90 -0.25
N ILE A 84 -45.19 -3.38 0.58
CA ILE A 84 -44.33 -4.51 0.24
C ILE A 84 -45.01 -5.84 0.60
N TRP A 85 -46.08 -5.77 1.37
CA TRP A 85 -46.77 -6.94 1.89
C TRP A 85 -48.01 -7.25 1.06
N SER A 91 -48.24 -6.34 -7.75
CA SER A 91 -46.79 -6.43 -7.66
C SER A 91 -46.25 -5.42 -6.65
N GLN A 92 -45.52 -5.92 -5.67
CA GLN A 92 -44.89 -5.08 -4.64
C GLN A 92 -43.46 -4.69 -5.00
N LEU A 93 -42.86 -5.37 -5.98
CA LEU A 93 -41.62 -4.92 -6.63
C LEU A 93 -41.60 -3.41 -6.82
N GLU A 94 -42.74 -2.87 -7.22
CA GLU A 94 -42.93 -1.43 -7.39
C GLU A 94 -42.52 -0.68 -6.11
N ALA A 95 -42.95 -1.21 -4.96
CA ALA A 95 -42.54 -0.65 -3.67
C ALA A 95 -41.06 -0.86 -3.39
N THR A 96 -40.59 -2.09 -3.55
CA THR A 96 -39.18 -2.43 -3.35
C THR A 96 -38.24 -1.54 -4.16
N ASN A 97 -38.66 -1.18 -5.37
CA ASN A 97 -37.92 -0.25 -6.21
C ASN A 97 -37.80 1.13 -5.56
N LEU A 98 -38.93 1.65 -5.06
CA LEU A 98 -38.95 2.94 -4.38
C LEU A 98 -38.08 2.91 -3.13
N LEU A 99 -38.25 1.86 -2.32
CA LEU A 99 -37.44 1.65 -1.13
C LEU A 99 -35.95 1.73 -1.47
N ARG A 100 -35.56 0.99 -2.51
CA ARG A 100 -34.18 0.96 -2.99
C ARG A 100 -33.71 2.34 -3.42
N LYS A 101 -34.54 3.04 -4.18
CA LYS A 101 -34.18 4.35 -4.74
C LYS A 101 -34.09 5.41 -3.64
N LEU A 102 -34.98 5.33 -2.65
CA LEU A 102 -34.91 6.18 -1.46
C LEU A 102 -33.57 6.04 -0.74
N LEU A 103 -33.10 4.81 -0.61
CA LEU A 103 -31.84 4.52 0.07
C LEU A 103 -30.63 5.00 -0.71
N SER A 104 -30.74 5.02 -2.03
CA SER A 104 -29.65 5.48 -2.90
C SER A 104 -29.57 7.00 -3.05
N ILE A 105 -30.33 7.74 -2.24
CA ILE A 105 -30.20 9.21 -2.15
C ILE A 105 -28.78 9.57 -1.69
N GLU A 106 -28.25 10.66 -2.22
CA GLU A 106 -26.88 11.09 -1.93
C GLU A 106 -26.76 11.72 -0.54
N GLN A 107 -27.61 12.71 -0.24
CA GLN A 107 -27.53 13.47 1.01
C GLN A 107 -28.62 13.05 2.00
N ASN A 108 -28.21 12.71 3.22
CA ASN A 108 -29.11 12.24 4.27
C ASN A 108 -29.99 11.07 3.83
N PRO A 109 -29.37 9.90 3.54
CA PRO A 109 -30.17 8.73 3.17
C PRO A 109 -30.99 8.23 4.38
N PRO A 110 -32.32 8.11 4.22
CA PRO A 110 -33.17 7.74 5.35
C PRO A 110 -33.13 6.23 5.63
N ILE A 111 -31.99 5.77 6.15
CA ILE A 111 -31.79 4.34 6.37
C ILE A 111 -32.41 3.88 7.68
N ASN A 112 -32.09 4.57 8.76
CA ASN A 112 -32.54 4.18 10.11
C ASN A 112 -34.06 4.13 10.27
N GLU A 113 -34.77 4.88 9.43
CA GLU A 113 -36.24 4.90 9.46
C GLU A 113 -36.84 3.73 8.67
N VAL A 114 -36.02 3.09 7.83
CA VAL A 114 -36.40 1.82 7.20
C VAL A 114 -36.31 0.69 8.24
N VAL A 115 -35.36 0.81 9.15
CA VAL A 115 -35.20 -0.13 10.26
C VAL A 115 -36.28 0.07 11.33
N GLN A 116 -36.72 1.32 11.51
CA GLN A 116 -37.84 1.61 12.41
C GLN A 116 -39.09 0.86 11.96
N SER A 117 -39.38 0.92 10.66
CA SER A 117 -40.51 0.20 10.07
C SER A 117 -40.30 -1.31 10.10
N GLY A 118 -39.04 -1.74 9.95
CA GLY A 118 -38.67 -3.14 10.11
C GLY A 118 -39.19 -4.04 9.00
N VAL A 119 -38.89 -3.67 7.76
CA VAL A 119 -39.26 -4.46 6.58
C VAL A 119 -38.04 -5.14 5.97
N VAL A 120 -36.91 -5.15 6.70
CA VAL A 120 -35.66 -5.71 6.21
C VAL A 120 -35.74 -7.24 6.05
N PRO A 121 -36.33 -7.94 7.05
CA PRO A 121 -36.50 -9.40 6.88
C PRO A 121 -37.36 -9.77 5.67
N ARG A 122 -38.37 -8.97 5.38
CA ARG A 122 -39.23 -9.16 4.19
C ARG A 122 -38.43 -9.02 2.91
N VAL A 123 -37.51 -8.06 2.89
CA VAL A 123 -36.62 -7.84 1.74
C VAL A 123 -35.59 -8.96 1.63
N VAL A 124 -35.12 -9.46 2.77
CA VAL A 124 -34.18 -10.58 2.79
C VAL A 124 -34.81 -11.85 2.20
N LYS A 125 -36.12 -12.00 2.39
CA LYS A 125 -36.85 -13.10 1.74
C LYS A 125 -36.87 -12.95 0.23
N PHE A 126 -36.93 -11.71 -0.27
CA PHE A 126 -36.90 -11.45 -1.71
C PHE A 126 -35.57 -11.79 -2.37
N LEU A 127 -34.48 -11.81 -1.61
CA LEU A 127 -33.20 -12.30 -2.12
C LEU A 127 -33.29 -13.76 -2.54
N SER A 128 -34.14 -14.53 -1.86
CA SER A 128 -34.35 -15.94 -2.17
C SER A 128 -35.50 -16.16 -3.16
N ARG A 129 -35.59 -15.29 -4.16
CA ARG A 129 -36.60 -15.40 -5.22
C ARG A 129 -35.90 -15.45 -6.58
N ASP A 130 -35.28 -16.60 -6.87
CA ASP A 130 -34.58 -16.80 -8.13
C ASP A 130 -35.55 -16.71 -9.33
N ASP A 131 -36.77 -17.16 -9.10
CA ASP A 131 -37.84 -17.09 -10.12
C ASP A 131 -38.16 -15.68 -10.60
N PHE A 132 -38.03 -14.69 -9.71
CA PHE A 132 -38.42 -13.31 -10.00
C PHE A 132 -37.21 -12.40 -9.77
N PRO A 133 -36.25 -12.41 -10.71
CA PRO A 133 -34.95 -11.78 -10.52
C PRO A 133 -34.95 -10.24 -10.51
N LYS A 134 -35.98 -9.60 -11.06
CA LYS A 134 -36.08 -8.14 -10.98
C LYS A 134 -36.30 -7.70 -9.54
N LEU A 135 -37.21 -8.39 -8.85
CA LEU A 135 -37.42 -8.16 -7.42
C LEU A 135 -36.16 -8.50 -6.63
N GLN A 136 -35.52 -9.60 -7.02
CA GLN A 136 -34.27 -10.05 -6.42
C GLN A 136 -33.17 -8.99 -6.60
N PHE A 137 -33.10 -8.43 -7.81
CA PHE A 137 -32.11 -7.40 -8.14
C PHE A 137 -32.35 -6.11 -7.37
N GLU A 138 -33.61 -5.67 -7.34
CA GLU A 138 -33.98 -4.46 -6.62
C GLU A 138 -33.83 -4.63 -5.10
N ALA A 139 -34.04 -5.86 -4.62
CA ALA A 139 -33.85 -6.18 -3.20
C ALA A 139 -32.37 -6.14 -2.82
N ALA A 140 -31.55 -6.84 -3.60
CA ALA A 140 -30.10 -6.88 -3.37
C ALA A 140 -29.49 -5.48 -3.38
N TRP A 141 -29.92 -4.66 -4.34
CA TRP A 141 -29.46 -3.28 -4.46
C TRP A 141 -29.85 -2.49 -3.20
N ALA A 142 -31.09 -2.68 -2.74
CA ALA A 142 -31.58 -1.99 -1.56
C ALA A 142 -30.78 -2.32 -0.30
N LEU A 143 -30.25 -3.54 -0.22
CA LEU A 143 -29.45 -3.97 0.93
C LEU A 143 -27.97 -3.59 0.78
N THR A 144 -27.49 -3.58 -0.47
CA THR A 144 -26.14 -3.08 -0.76
C THR A 144 -25.99 -1.62 -0.35
N ASN A 145 -27.06 -0.84 -0.51
CA ASN A 145 -27.08 0.57 -0.13
C ASN A 145 -27.06 0.75 1.39
N ILE A 146 -27.77 -0.12 2.10
CA ILE A 146 -27.77 -0.10 3.56
C ILE A 146 -26.40 -0.53 4.11
N ALA A 147 -25.72 -1.41 3.38
CA ALA A 147 -24.37 -1.83 3.75
C ALA A 147 -23.36 -0.69 3.68
N SER A 148 -23.59 0.25 2.77
CA SER A 148 -22.76 1.45 2.66
C SER A 148 -22.93 2.34 3.88
N GLY A 149 -21.84 3.02 4.27
CA GLY A 149 -21.87 3.95 5.39
C GLY A 149 -21.30 3.38 6.67
N THR A 150 -22.09 3.43 7.74
CA THR A 150 -21.63 3.13 9.09
C THR A 150 -21.67 1.64 9.42
N SER A 151 -20.71 1.18 10.24
CA SER A 151 -20.60 -0.23 10.64
C SER A 151 -21.87 -0.73 11.34
N GLU A 152 -22.56 0.18 12.02
CA GLU A 152 -23.98 0.03 12.31
C GLU A 152 -24.54 1.34 11.78
N ASN A 153 -25.41 1.32 10.77
CA ASN A 153 -26.35 0.22 10.48
C ASN A 153 -25.92 -0.92 9.52
N THR A 154 -24.62 -1.08 9.25
CA THR A 154 -24.17 -2.23 8.46
C THR A 154 -24.42 -3.57 9.17
N ASN A 155 -24.26 -3.61 10.48
CA ASN A 155 -24.38 -4.84 11.26
C ASN A 155 -25.78 -5.49 11.23
N VAL A 156 -26.81 -4.69 10.95
CA VAL A 156 -28.18 -5.21 10.89
C VAL A 156 -28.40 -6.15 9.69
N ILE A 157 -27.59 -5.97 8.65
CA ILE A 157 -27.64 -6.84 7.46
C ILE A 157 -26.98 -8.19 7.77
N ILE A 158 -25.98 -8.18 8.64
CA ILE A 158 -25.32 -9.41 9.09
C ILE A 158 -26.31 -10.22 9.92
N GLU A 159 -26.91 -9.58 10.92
CA GLU A 159 -27.86 -10.24 11.81
C GLU A 159 -29.14 -10.72 11.11
N SER A 160 -29.46 -10.11 9.97
CA SER A 160 -30.59 -10.55 9.15
C SER A 160 -30.31 -11.85 8.39
N GLY A 161 -29.03 -12.20 8.26
CA GLY A 161 -28.61 -13.45 7.63
C GLY A 161 -28.59 -13.38 6.12
N ALA A 162 -28.25 -12.20 5.59
CA ALA A 162 -28.27 -11.95 4.16
C ALA A 162 -26.95 -12.30 3.49
N VAL A 163 -25.86 -12.29 4.25
CA VAL A 163 -24.52 -12.53 3.69
C VAL A 163 -24.41 -13.91 3.03
N PRO A 164 -24.86 -14.97 3.72
CA PRO A 164 -24.82 -16.31 3.09
C PRO A 164 -25.65 -16.38 1.81
N ILE A 165 -26.77 -15.65 1.79
CA ILE A 165 -27.65 -15.63 0.62
C ILE A 165 -26.96 -14.97 -0.56
N PHE A 166 -26.24 -13.88 -0.30
CA PHE A 166 -25.43 -13.23 -1.32
C PHE A 166 -24.36 -14.15 -1.90
N ILE A 167 -23.86 -15.08 -1.09
CA ILE A 167 -22.83 -16.02 -1.56
C ILE A 167 -23.40 -16.93 -2.64
N GLN A 168 -24.53 -17.57 -2.37
CA GLN A 168 -25.14 -18.48 -3.33
C GLN A 168 -25.85 -17.75 -4.49
N LEU A 169 -26.06 -16.44 -4.35
CA LEU A 169 -26.52 -15.61 -5.46
C LEU A 169 -25.42 -15.40 -6.51
N LEU A 170 -24.18 -15.66 -6.15
CA LEU A 170 -23.06 -15.61 -7.10
C LEU A 170 -23.16 -16.73 -8.14
N SER A 171 -23.96 -17.75 -7.87
CA SER A 171 -24.20 -18.85 -8.82
C SER A 171 -25.57 -18.78 -9.49
N SER A 172 -26.21 -17.61 -9.47
CA SER A 172 -27.51 -17.44 -10.12
C SER A 172 -27.32 -17.25 -11.62
N ALA A 173 -28.35 -17.59 -12.39
CA ALA A 173 -28.30 -17.48 -13.85
C ALA A 173 -28.39 -16.02 -14.31
N SER A 174 -28.96 -15.16 -13.49
CA SER A 174 -29.06 -13.74 -13.80
C SER A 174 -27.72 -13.05 -13.64
N GLU A 175 -27.22 -12.46 -14.73
CA GLU A 175 -25.96 -11.71 -14.72
C GLU A 175 -26.04 -10.48 -13.84
N ASP A 176 -27.19 -9.80 -13.88
CA ASP A 176 -27.40 -8.58 -13.09
C ASP A 176 -27.44 -8.87 -11.59
N VAL A 177 -27.93 -10.04 -11.21
CA VAL A 177 -27.96 -10.45 -9.81
C VAL A 177 -26.56 -10.81 -9.31
N ARG A 178 -25.81 -11.56 -10.12
CA ARG A 178 -24.43 -11.93 -9.76
C ARG A 178 -23.58 -10.69 -9.51
N GLU A 179 -23.63 -9.73 -10.42
CA GLU A 179 -22.87 -8.48 -10.27
C GLU A 179 -23.30 -7.70 -9.04
N GLN A 180 -24.59 -7.72 -8.75
CA GLN A 180 -25.12 -7.06 -7.57
C GLN A 180 -24.68 -7.77 -6.30
N ALA A 181 -24.69 -9.11 -6.34
CA ALA A 181 -24.22 -9.92 -5.21
C ALA A 181 -22.74 -9.65 -4.92
N VAL A 182 -21.95 -9.49 -5.97
CA VAL A 182 -20.54 -9.16 -5.83
C VAL A 182 -20.38 -7.79 -5.18
N TRP A 183 -21.19 -6.82 -5.62
CA TRP A 183 -21.17 -5.47 -5.10
C TRP A 183 -21.45 -5.47 -3.59
N ALA A 184 -22.57 -6.08 -3.21
CA ALA A 184 -22.99 -6.13 -1.80
C ALA A 184 -21.91 -6.69 -0.88
N LEU A 185 -21.29 -7.79 -1.30
CA LEU A 185 -20.25 -8.44 -0.50
C LEU A 185 -19.00 -7.58 -0.37
N GLY A 186 -18.74 -6.74 -1.37
CA GLY A 186 -17.66 -5.77 -1.31
C GLY A 186 -17.92 -4.69 -0.27
N ASN A 187 -19.12 -4.12 -0.31
CA ASN A 187 -19.52 -3.12 0.70
C ASN A 187 -19.38 -3.65 2.12
N VAL A 188 -19.82 -4.88 2.33
CA VAL A 188 -19.81 -5.50 3.66
C VAL A 188 -18.39 -5.77 4.13
N ALA A 189 -17.65 -6.57 3.35
CA ALA A 189 -16.26 -6.92 3.68
C ALA A 189 -15.39 -5.69 3.91
N GLY A 190 -15.60 -4.65 3.11
CA GLY A 190 -14.82 -3.42 3.22
C GLY A 190 -15.08 -2.59 4.46
N ASP A 191 -16.22 -2.80 5.11
CA ASP A 191 -16.61 -2.00 6.28
C ASP A 191 -15.68 -2.16 7.49
N SER A 192 -15.28 -3.40 7.76
CA SER A 192 -14.40 -3.68 8.90
C SER A 192 -13.76 -5.06 8.78
N PRO A 193 -12.63 -5.27 9.47
CA PRO A 193 -12.02 -6.61 9.54
C PRO A 193 -12.96 -7.68 10.09
N LYS A 194 -13.80 -7.28 11.05
CA LYS A 194 -14.83 -8.17 11.61
C LYS A 194 -15.82 -8.62 10.54
N CYS A 195 -16.28 -7.67 9.72
CA CYS A 195 -17.18 -7.98 8.61
C CYS A 195 -16.47 -8.77 7.52
N ARG A 196 -15.25 -8.36 7.20
CA ARG A 196 -14.42 -9.07 6.23
C ARG A 196 -14.29 -10.54 6.59
N ASP A 197 -13.82 -10.81 7.80
CA ASP A 197 -13.61 -12.20 8.24
C ASP A 197 -14.89 -13.01 8.20
N LEU A 198 -16.01 -12.39 8.56
CA LEU A 198 -17.31 -13.04 8.52
C LEU A 198 -17.65 -13.49 7.09
N VAL A 199 -17.41 -12.60 6.13
CA VAL A 199 -17.66 -12.90 4.72
C VAL A 199 -16.75 -14.04 4.25
N LEU A 200 -15.48 -14.00 4.66
CA LEU A 200 -14.52 -15.04 4.29
C LEU A 200 -14.80 -16.37 4.98
N SER A 201 -15.31 -16.32 6.21
CA SER A 201 -15.64 -17.53 6.96
C SER A 201 -16.72 -18.36 6.27
N TYR A 202 -17.67 -17.67 5.61
CA TYR A 202 -18.70 -18.33 4.80
C TYR A 202 -18.18 -18.81 3.44
N GLY A 203 -16.90 -18.55 3.14
CA GLY A 203 -16.28 -19.06 1.92
C GLY A 203 -16.73 -18.30 0.68
N ALA A 204 -16.80 -16.98 0.79
CA ALA A 204 -17.19 -16.13 -0.32
C ALA A 204 -16.12 -16.08 -1.42
N MET A 205 -14.88 -16.37 -1.06
CA MET A 205 -13.76 -16.38 -2.02
C MET A 205 -13.99 -17.30 -3.21
N THR A 206 -14.27 -18.56 -2.94
CA THR A 206 -14.37 -19.58 -4.00
C THR A 206 -15.33 -19.18 -5.12
N PRO A 207 -16.58 -18.80 -4.79
CA PRO A 207 -17.48 -18.36 -5.86
C PRO A 207 -17.06 -17.04 -6.50
N LEU A 208 -16.42 -16.16 -5.73
CA LEU A 208 -15.93 -14.87 -6.24
C LEU A 208 -14.86 -15.05 -7.30
N LEU A 209 -14.05 -16.10 -7.17
CA LEU A 209 -12.99 -16.39 -8.15
C LEU A 209 -13.56 -17.09 -9.39
N SER A 210 -14.40 -18.10 -9.18
CA SER A 210 -15.15 -18.71 -10.28
C SER A 210 -16.15 -17.68 -10.78
N GLN A 211 -15.65 -16.77 -11.61
CA GLN A 211 -16.31 -15.51 -11.91
C GLN A 211 -15.45 -14.71 -12.88
N PHE A 212 -14.13 -14.83 -12.73
CA PHE A 212 -13.18 -14.33 -13.71
C PHE A 212 -12.93 -15.38 -14.80
N ASN A 213 -13.15 -15.00 -16.05
CA ASN A 213 -12.83 -15.84 -17.21
C ASN A 213 -12.93 -15.02 -18.51
N GLU A 214 -12.75 -15.67 -19.66
CA GLU A 214 -12.87 -15.00 -20.96
C GLU A 214 -14.25 -14.39 -21.18
N ASN A 215 -15.30 -15.09 -20.75
CA ASN A 215 -16.68 -14.62 -20.93
C ASN A 215 -17.06 -13.45 -20.02
N THR A 216 -16.23 -13.14 -19.02
CA THR A 216 -16.49 -12.06 -18.08
C THR A 216 -16.43 -10.69 -18.76
N LYS A 217 -17.48 -9.90 -18.57
CA LYS A 217 -17.55 -8.56 -19.14
C LYS A 217 -16.78 -7.56 -18.29
N LEU A 218 -16.61 -6.34 -18.83
CA LEU A 218 -15.84 -5.28 -18.16
C LEU A 218 -16.44 -4.88 -16.82
N SER A 219 -17.77 -4.72 -16.79
CA SER A 219 -18.46 -4.32 -15.55
C SER A 219 -18.27 -5.35 -14.44
N MET A 220 -18.45 -6.62 -14.78
CA MET A 220 -18.23 -7.70 -13.80
C MET A 220 -16.76 -7.81 -13.42
N LEU A 221 -15.88 -7.64 -14.41
CA LEU A 221 -14.44 -7.72 -14.18
C LEU A 221 -13.97 -6.66 -13.18
N ARG A 222 -14.48 -5.44 -13.34
CA ARG A 222 -14.17 -4.34 -12.43
C ARG A 222 -14.76 -4.58 -11.04
N ASN A 223 -16.06 -4.90 -10.99
CA ASN A 223 -16.75 -5.15 -9.72
C ASN A 223 -16.10 -6.24 -8.88
N ALA A 224 -15.71 -7.33 -9.54
CA ALA A 224 -15.13 -8.49 -8.87
C ALA A 224 -13.73 -8.19 -8.32
N THR A 225 -12.89 -7.56 -9.14
CA THR A 225 -11.55 -7.18 -8.73
C THR A 225 -11.59 -6.21 -7.54
N TRP A 226 -12.57 -5.32 -7.55
CA TRP A 226 -12.76 -4.39 -6.45
C TRP A 226 -13.22 -5.10 -5.17
N THR A 227 -14.20 -5.99 -5.29
CA THR A 227 -14.68 -6.73 -4.13
C THR A 227 -13.54 -7.56 -3.53
N LEU A 228 -12.74 -8.18 -4.40
CA LEU A 228 -11.55 -8.91 -3.99
C LEU A 228 -10.57 -8.00 -3.23
N SER A 229 -10.45 -6.76 -3.68
CA SER A 229 -9.63 -5.76 -3.01
C SER A 229 -10.04 -5.59 -1.55
N ASN A 230 -11.35 -5.53 -1.31
CA ASN A 230 -11.89 -5.39 0.05
C ASN A 230 -11.79 -6.68 0.87
N PHE A 231 -11.81 -7.82 0.19
CA PHE A 231 -11.60 -9.11 0.84
C PHE A 231 -10.22 -9.20 1.49
N CYS A 232 -9.23 -8.53 0.90
CA CYS A 232 -7.86 -8.50 1.42
C CYS A 232 -7.57 -7.25 2.27
N ARG A 233 -8.44 -6.25 2.17
CA ARG A 233 -8.24 -4.98 2.86
C ARG A 233 -8.48 -5.09 4.37
N GLY A 234 -7.97 -4.13 5.12
CA GLY A 234 -8.24 -4.04 6.55
C GLY A 234 -7.05 -4.45 7.39
N LYS A 235 -7.02 -3.96 8.63
CA LYS A 235 -6.02 -4.36 9.60
C LYS A 235 -6.65 -4.49 10.98
N PRO A 236 -6.42 -5.61 11.69
CA PRO A 236 -5.52 -6.72 11.31
C PRO A 236 -5.94 -7.41 10.01
N PRO A 237 -4.97 -7.91 9.24
CA PRO A 237 -5.27 -8.51 7.93
C PRO A 237 -5.96 -9.88 8.06
N PRO A 238 -6.62 -10.32 6.97
CA PRO A 238 -7.31 -11.61 7.01
C PRO A 238 -6.31 -12.76 6.99
N ALA A 239 -6.71 -13.91 7.52
CA ALA A 239 -5.83 -15.07 7.57
C ALA A 239 -5.28 -15.34 6.17
N PHE A 240 -3.96 -15.27 6.04
CA PHE A 240 -3.30 -15.41 4.74
C PHE A 240 -3.85 -16.53 3.88
N GLU A 241 -4.00 -17.72 4.48
CA GLU A 241 -4.46 -18.91 3.76
C GLU A 241 -5.89 -18.84 3.23
N GLN A 242 -6.69 -17.92 3.76
CA GLN A 242 -8.01 -17.62 3.19
C GLN A 242 -7.89 -16.80 1.90
N THR A 243 -6.95 -15.86 1.89
CA THR A 243 -6.71 -14.98 0.74
C THR A 243 -5.67 -15.54 -0.23
N GLN A 244 -4.95 -16.59 0.18
CA GLN A 244 -3.86 -17.16 -0.62
C GLN A 244 -4.29 -17.62 -2.03
N PRO A 245 -5.46 -18.28 -2.16
CA PRO A 245 -5.88 -18.72 -3.51
C PRO A 245 -6.24 -17.59 -4.49
N ALA A 246 -6.36 -16.36 -3.99
CA ALA A 246 -6.56 -15.19 -4.86
C ALA A 246 -5.34 -14.91 -5.73
N LEU A 247 -4.15 -15.25 -5.24
CA LEU A 247 -2.90 -14.92 -5.94
C LEU A 247 -2.83 -15.42 -7.39
N PRO A 248 -3.19 -16.70 -7.63
CA PRO A 248 -3.29 -17.18 -9.02
C PRO A 248 -4.12 -16.29 -9.94
N VAL A 249 -5.27 -15.83 -9.44
CA VAL A 249 -6.18 -14.99 -10.23
C VAL A 249 -5.65 -13.57 -10.36
N LEU A 250 -5.16 -13.01 -9.26
CA LEU A 250 -4.58 -11.67 -9.25
C LEU A 250 -3.50 -11.52 -10.32
N GLU A 251 -2.60 -12.50 -10.38
CA GLU A 251 -1.54 -12.56 -11.40
C GLU A 251 -2.08 -12.33 -12.82
N ARG A 252 -3.22 -12.96 -13.13
CA ARG A 252 -3.85 -12.78 -14.44
C ARG A 252 -4.50 -11.40 -14.58
N LEU A 253 -5.11 -10.92 -13.50
CA LEU A 253 -5.78 -9.62 -13.50
C LEU A 253 -4.84 -8.44 -13.77
N VAL A 254 -3.57 -8.57 -13.40
CA VAL A 254 -2.58 -7.51 -13.61
C VAL A 254 -2.17 -7.45 -15.09
N GLN A 255 -2.41 -8.53 -15.83
CA GLN A 255 -2.14 -8.56 -17.27
C GLN A 255 -3.06 -7.60 -18.04
N SER A 256 -4.21 -7.28 -17.46
CA SER A 256 -5.19 -6.38 -18.06
C SER A 256 -4.63 -5.00 -18.38
N MET A 257 -5.33 -4.28 -19.26
CA MET A 257 -4.98 -2.92 -19.64
C MET A 257 -6.02 -1.90 -19.15
N ASP A 258 -7.00 -2.35 -18.37
CA ASP A 258 -8.03 -1.48 -17.81
C ASP A 258 -7.51 -0.87 -16.51
N GLU A 259 -7.56 0.46 -16.42
CA GLU A 259 -6.98 1.19 -15.28
C GLU A 259 -7.70 0.94 -13.96
N GLU A 260 -9.02 0.79 -13.99
CA GLU A 260 -9.78 0.48 -12.77
C GLU A 260 -9.46 -0.91 -12.24
N VAL A 261 -9.31 -1.88 -13.14
CA VAL A 261 -8.97 -3.25 -12.75
C VAL A 261 -7.53 -3.31 -12.24
N LEU A 262 -6.61 -2.68 -12.95
CA LEU A 262 -5.19 -2.64 -12.56
C LEU A 262 -4.97 -2.04 -11.18
N THR A 263 -5.64 -0.92 -10.91
CA THR A 263 -5.53 -0.23 -9.63
C THR A 263 -5.86 -1.15 -8.45
N ASP A 264 -7.07 -1.70 -8.47
CA ASP A 264 -7.57 -2.52 -7.37
C ASP A 264 -6.79 -3.82 -7.21
N ALA A 265 -6.37 -4.39 -8.34
CA ALA A 265 -5.54 -5.58 -8.33
C ALA A 265 -4.22 -5.34 -7.60
N CYS A 266 -3.58 -4.21 -7.90
CA CYS A 266 -2.33 -3.84 -7.24
C CYS A 266 -2.54 -3.55 -5.75
N TRP A 267 -3.64 -2.88 -5.42
CA TRP A 267 -4.01 -2.66 -4.02
C TRP A 267 -4.17 -3.99 -3.30
N ALA A 268 -4.90 -4.91 -3.93
CA ALA A 268 -5.11 -6.24 -3.37
C ALA A 268 -3.77 -6.92 -3.09
N LEU A 269 -2.85 -6.84 -4.06
CA LEU A 269 -1.52 -7.41 -3.92
C LEU A 269 -0.71 -6.72 -2.83
N SER A 270 -0.84 -5.39 -2.73
CA SER A 270 -0.12 -4.63 -1.71
C SER A 270 -0.53 -5.03 -0.30
N TYR A 271 -1.82 -5.34 -0.12
CA TYR A 271 -2.32 -5.81 1.16
C TYR A 271 -1.76 -7.19 1.50
N LEU A 272 -1.67 -8.05 0.48
CA LEU A 272 -1.21 -9.42 0.67
C LEU A 272 0.31 -9.58 0.83
N SER A 273 1.04 -8.48 0.91
CA SER A 273 2.50 -8.52 1.07
C SER A 273 2.98 -7.77 2.31
N ASP A 274 2.06 -7.38 3.19
CA ASP A 274 2.40 -6.53 4.34
C ASP A 274 2.71 -7.37 5.59
N ASN A 275 3.93 -7.21 6.11
CA ASN A 275 4.37 -7.81 7.38
C ASN A 275 4.26 -9.34 7.46
N SER A 276 5.15 -10.02 6.74
CA SER A 276 5.35 -11.47 6.83
C SER A 276 6.06 -11.98 5.59
N ASN A 277 7.30 -12.45 5.77
CA ASN A 277 8.10 -12.97 4.67
C ASN A 277 7.47 -14.17 3.97
N ASP A 278 6.64 -14.92 4.69
CA ASP A 278 5.89 -16.04 4.12
C ASP A 278 4.93 -15.53 3.04
N LYS A 279 4.20 -14.47 3.35
CA LYS A 279 3.27 -13.86 2.41
C LYS A 279 4.01 -13.28 1.21
N ILE A 280 5.13 -12.60 1.47
CA ILE A 280 5.95 -12.00 0.42
C ILE A 280 6.42 -13.08 -0.56
N GLN A 281 6.78 -14.25 -0.03
CA GLN A 281 7.25 -15.36 -0.85
C GLN A 281 6.15 -15.87 -1.78
N ALA A 282 4.95 -16.03 -1.23
CA ALA A 282 3.81 -16.49 -2.01
C ALA A 282 3.50 -15.58 -3.19
N VAL A 283 3.64 -14.27 -2.96
CA VAL A 283 3.37 -13.27 -4.00
C VAL A 283 4.40 -13.37 -5.13
N ILE A 284 5.65 -13.66 -4.78
CA ILE A 284 6.70 -13.85 -5.78
C ILE A 284 6.44 -15.13 -6.59
N GLU A 285 6.09 -16.21 -5.89
CA GLU A 285 5.80 -17.50 -6.53
C GLU A 285 4.65 -17.43 -7.54
N ALA A 286 3.70 -16.52 -7.32
CA ALA A 286 2.62 -16.30 -8.27
C ALA A 286 3.10 -15.74 -9.61
N GLY A 287 4.22 -15.02 -9.59
CA GLY A 287 4.84 -14.50 -10.82
C GLY A 287 4.27 -13.16 -11.24
N VAL A 288 3.94 -12.33 -10.25
CA VAL A 288 3.39 -11.00 -10.50
C VAL A 288 4.46 -9.92 -10.55
N VAL A 289 5.66 -10.26 -10.08
CA VAL A 289 6.76 -9.29 -9.98
C VAL A 289 7.13 -8.66 -11.32
N PRO A 290 7.38 -9.48 -12.37
CA PRO A 290 7.76 -8.88 -13.66
C PRO A 290 6.73 -7.90 -14.22
N ARG A 291 5.45 -8.20 -14.04
CA ARG A 291 4.38 -7.32 -14.51
C ARG A 291 4.34 -6.00 -13.72
N LEU A 292 4.53 -6.08 -12.41
CA LEU A 292 4.52 -4.88 -11.55
C LEU A 292 5.63 -3.90 -11.91
N ILE A 293 6.77 -4.41 -12.37
CA ILE A 293 7.85 -3.56 -12.87
C ILE A 293 7.36 -2.70 -14.03
N GLN A 294 6.67 -3.32 -14.99
CA GLN A 294 6.12 -2.59 -16.13
C GLN A 294 5.13 -1.51 -15.70
N LEU A 295 4.37 -1.80 -14.66
CA LEU A 295 3.41 -0.85 -14.08
C LEU A 295 4.08 0.36 -13.41
N LEU A 296 5.36 0.25 -13.07
CA LEU A 296 6.13 1.40 -12.57
C LEU A 296 6.35 2.48 -13.63
N GLY A 297 6.23 2.11 -14.91
CA GLY A 297 6.27 3.07 -16.01
C GLY A 297 4.90 3.41 -16.56
N HIS A 298 3.86 3.21 -15.75
CA HIS A 298 2.48 3.47 -16.18
C HIS A 298 2.19 4.97 -16.08
N SER A 299 1.32 5.45 -16.97
CA SER A 299 1.01 6.88 -17.07
C SER A 299 -0.25 7.25 -16.28
N SER A 300 -0.35 6.76 -15.05
CA SER A 300 -1.53 6.98 -14.20
C SER A 300 -1.23 6.63 -12.75
N PRO A 301 -1.03 7.64 -11.89
CA PRO A 301 -0.76 7.44 -10.46
C PRO A 301 -1.72 6.48 -9.73
N SER A 302 -2.97 6.40 -10.19
CA SER A 302 -3.93 5.43 -9.67
C SER A 302 -3.37 4.02 -9.72
N VAL A 303 -2.72 3.68 -10.83
CA VAL A 303 -2.06 2.38 -11.00
C VAL A 303 -0.64 2.41 -10.43
N LEU A 304 0.06 3.51 -10.65
CA LEU A 304 1.47 3.64 -10.27
C LEU A 304 1.72 3.45 -8.77
N ILE A 305 0.86 4.04 -7.95
CA ILE A 305 1.03 4.05 -6.49
C ILE A 305 0.94 2.66 -5.83
N PRO A 306 -0.18 1.92 -6.02
CA PRO A 306 -0.28 0.61 -5.40
C PRO A 306 0.72 -0.43 -5.92
N ALA A 307 1.14 -0.29 -7.18
CA ALA A 307 2.17 -1.16 -7.75
C ALA A 307 3.52 -0.89 -7.08
N LEU A 308 3.84 0.40 -6.95
CA LEU A 308 5.05 0.84 -6.26
C LEU A 308 5.04 0.41 -4.79
N ARG A 309 3.86 0.43 -4.18
CA ARG A 309 3.70 0.00 -2.79
C ARG A 309 3.98 -1.49 -2.63
N THR A 310 3.46 -2.28 -3.57
CA THR A 310 3.63 -3.74 -3.52
C THR A 310 5.11 -4.10 -3.61
N ILE A 311 5.83 -3.43 -4.50
CA ILE A 311 7.26 -3.67 -4.68
C ILE A 311 8.02 -3.25 -3.42
N GLY A 312 7.60 -2.14 -2.81
CA GLY A 312 8.15 -1.70 -1.54
C GLY A 312 7.98 -2.72 -0.42
N ASN A 313 6.85 -3.41 -0.43
CA ASN A 313 6.59 -4.48 0.55
C ASN A 313 7.43 -5.73 0.31
N ILE A 314 7.72 -6.02 -0.95
CA ILE A 314 8.51 -7.21 -1.31
C ILE A 314 9.97 -7.08 -0.85
N VAL A 315 10.50 -5.86 -0.88
CA VAL A 315 11.89 -5.62 -0.48
C VAL A 315 12.10 -5.54 1.04
N THR A 316 11.02 -5.32 1.79
CA THR A 316 11.11 -5.27 3.26
C THR A 316 11.42 -6.63 3.87
N GLY A 317 11.10 -7.70 3.15
CA GLY A 317 11.44 -9.06 3.55
C GLY A 317 12.93 -9.33 3.45
N ASP A 318 13.31 -10.59 3.52
CA ASP A 318 14.73 -10.97 3.56
C ASP A 318 15.44 -10.75 2.21
N ASP A 319 16.74 -11.03 2.18
CA ASP A 319 17.59 -10.69 1.03
C ASP A 319 17.29 -11.51 -0.22
N LEU A 320 17.04 -12.81 -0.04
CA LEU A 320 16.71 -13.70 -1.16
C LEU A 320 15.42 -13.29 -1.85
N GLN A 321 14.50 -12.69 -1.09
CA GLN A 321 13.26 -12.15 -1.65
C GLN A 321 13.53 -10.82 -2.33
N THR A 322 14.32 -9.96 -1.68
CA THR A 322 14.72 -8.67 -2.24
C THR A 322 15.45 -8.85 -3.58
N GLN A 323 16.29 -9.88 -3.65
CA GLN A 323 17.05 -10.19 -4.87
C GLN A 323 16.19 -10.44 -6.11
N MET A 324 14.99 -10.97 -5.91
CA MET A 324 14.09 -11.32 -7.03
C MET A 324 13.63 -10.07 -7.77
N VAL A 325 13.46 -8.97 -7.05
CA VAL A 325 13.07 -7.69 -7.65
C VAL A 325 14.26 -7.07 -8.39
N LEU A 326 15.45 -7.24 -7.83
CA LEU A 326 16.67 -6.72 -8.45
C LEU A 326 16.93 -7.41 -9.77
N ASP A 327 16.78 -8.73 -9.78
CA ASP A 327 16.99 -9.54 -11.00
C ASP A 327 15.99 -9.25 -12.12
N GLN A 328 14.91 -8.53 -11.80
CA GLN A 328 13.89 -8.18 -12.78
C GLN A 328 14.06 -6.75 -13.31
N GLN A 329 15.24 -6.16 -13.10
CA GLN A 329 15.55 -4.79 -13.55
C GLN A 329 14.49 -3.77 -13.09
N ALA A 330 14.28 -3.73 -11.78
CA ALA A 330 13.33 -2.80 -11.18
C ALA A 330 13.95 -1.41 -10.97
N LEU A 331 15.28 -1.35 -10.92
CA LEU A 331 15.99 -0.14 -10.52
C LEU A 331 15.96 0.98 -11.57
N PRO A 332 16.05 0.63 -12.87
CA PRO A 332 15.86 1.67 -13.91
C PRO A 332 14.49 2.36 -13.80
N CYS A 333 13.47 1.61 -13.40
CA CYS A 333 12.11 2.15 -13.24
C CYS A 333 12.02 3.08 -12.02
N LEU A 334 12.65 2.68 -10.93
CA LEU A 334 12.68 3.51 -9.72
C LEU A 334 13.44 4.82 -9.93
N LEU A 335 14.51 4.77 -10.72
CA LEU A 335 15.30 5.97 -11.04
C LEU A 335 14.44 7.01 -11.75
N ASN A 336 13.69 6.59 -12.77
CA ASN A 336 12.78 7.48 -13.49
C ASN A 336 11.87 8.27 -12.56
N LEU A 337 11.33 7.60 -11.55
CA LEU A 337 10.41 8.22 -10.60
C LEU A 337 11.06 9.34 -9.80
N LEU A 338 12.36 9.22 -9.55
CA LEU A 338 13.13 10.27 -8.89
C LEU A 338 13.64 11.31 -9.89
N LYS A 339 14.13 10.84 -11.04
CA LYS A 339 14.71 11.72 -12.04
C LYS A 339 13.65 12.67 -12.60
N ASN A 340 12.59 12.11 -13.16
CA ASN A 340 11.47 12.91 -13.66
C ASN A 340 10.61 13.39 -12.48
N ASN A 341 10.02 14.56 -12.63
CA ASN A 341 9.26 15.19 -11.53
C ASN A 341 7.84 14.65 -11.40
N TYR A 342 7.72 13.48 -10.78
CA TYR A 342 6.42 12.88 -10.49
C TYR A 342 5.77 13.52 -9.27
N LYS A 343 4.55 13.09 -8.97
CA LYS A 343 3.80 13.52 -7.78
C LYS A 343 4.65 13.37 -6.51
N LYS A 344 4.62 14.40 -5.67
CA LYS A 344 5.36 14.44 -4.39
C LYS A 344 5.34 13.13 -3.60
N SER A 345 4.18 12.52 -3.48
CA SER A 345 4.01 11.27 -2.72
C SER A 345 4.61 10.04 -3.40
N ILE A 346 4.69 10.05 -4.73
CA ILE A 346 5.28 8.95 -5.49
C ILE A 346 6.79 8.89 -5.29
N LYS A 347 7.43 10.06 -5.34
CA LYS A 347 8.88 10.17 -5.09
C LYS A 347 9.26 9.56 -3.74
N LYS A 348 8.49 9.91 -2.70
CA LYS A 348 8.79 9.47 -1.34
C LYS A 348 8.60 7.95 -1.18
N GLU A 349 7.66 7.39 -1.94
CA GLU A 349 7.47 5.94 -1.97
C GLU A 349 8.62 5.22 -2.66
N ALA A 350 9.18 5.86 -3.68
CA ALA A 350 10.34 5.30 -4.40
C ALA A 350 11.58 5.28 -3.51
N CYS A 351 11.82 6.39 -2.81
CA CYS A 351 12.91 6.47 -1.85
C CYS A 351 12.78 5.45 -0.73
N TRP A 352 11.55 5.28 -0.23
CA TRP A 352 11.27 4.29 0.80
C TRP A 352 11.63 2.89 0.32
N THR A 353 11.31 2.60 -0.94
CA THR A 353 11.60 1.30 -1.53
C THR A 353 13.12 1.08 -1.66
N ILE A 354 13.83 2.10 -2.10
CA ILE A 354 15.28 2.03 -2.26
C ILE A 354 15.99 1.78 -0.93
N SER A 355 15.52 2.42 0.12
CA SER A 355 16.11 2.25 1.46
C SER A 355 15.96 0.83 2.01
N ASN A 356 14.89 0.14 1.61
CA ASN A 356 14.68 -1.26 2.01
C ASN A 356 15.55 -2.25 1.23
N ILE A 357 16.15 -1.78 0.14
CA ILE A 357 17.13 -2.56 -0.61
C ILE A 357 18.50 -2.43 0.05
N THR A 358 18.89 -1.19 0.32
CA THR A 358 20.16 -0.91 0.99
C THR A 358 20.11 -1.50 2.41
N ALA A 359 20.52 -2.77 2.53
CA ALA A 359 20.50 -3.48 3.81
C ALA A 359 21.66 -4.47 3.90
N GLN A 364 23.29 -6.63 -1.03
CA GLN A 364 22.85 -6.22 -2.36
C GLN A 364 22.93 -4.71 -2.58
N ILE A 365 23.76 -4.04 -1.78
CA ILE A 365 23.93 -2.59 -1.91
C ILE A 365 24.58 -2.30 -3.26
N GLN A 366 25.53 -3.15 -3.64
CA GLN A 366 26.19 -3.11 -4.94
C GLN A 366 25.25 -2.75 -6.11
N ALA A 367 24.05 -3.33 -6.09
CA ALA A 367 23.09 -3.15 -7.18
C ALA A 367 22.66 -1.69 -7.34
N VAL A 368 22.30 -1.05 -6.23
CA VAL A 368 21.80 0.32 -6.26
C VAL A 368 22.85 1.32 -6.75
N ILE A 369 24.12 1.05 -6.42
CA ILE A 369 25.23 1.91 -6.82
C ILE A 369 25.41 1.90 -8.33
N ASP A 370 25.32 0.71 -8.92
CA ASP A 370 25.52 0.54 -10.37
C ASP A 370 24.46 1.25 -11.20
N ALA A 371 23.25 1.37 -10.65
CA ALA A 371 22.14 2.02 -11.34
C ALA A 371 22.28 3.54 -11.44
N GLY A 372 23.16 4.13 -10.63
CA GLY A 372 23.38 5.58 -10.63
C GLY A 372 22.29 6.32 -9.88
N ILE A 373 21.82 5.73 -8.80
CA ILE A 373 20.73 6.29 -7.99
C ILE A 373 21.24 7.43 -7.11
N ILE A 374 22.51 7.35 -6.70
CA ILE A 374 23.06 8.21 -5.66
C ILE A 374 22.98 9.70 -6.02
N GLN A 375 23.29 10.06 -7.27
CA GLN A 375 23.25 11.45 -7.70
C GLN A 375 21.86 12.05 -7.47
N SER A 376 20.85 11.40 -8.03
CA SER A 376 19.47 11.85 -7.90
C SER A 376 19.00 11.79 -6.45
N LEU A 377 19.47 10.78 -5.71
CA LEU A 377 19.14 10.62 -4.30
C LEU A 377 19.75 11.74 -3.45
N VAL A 378 20.96 12.16 -3.82
CA VAL A 378 21.61 13.33 -3.20
C VAL A 378 20.92 14.61 -3.65
N TRP A 379 20.53 14.67 -4.91
CA TRP A 379 19.75 15.79 -5.46
C TRP A 379 18.45 15.96 -4.67
N VAL A 380 17.78 14.85 -4.42
CA VAL A 380 16.56 14.82 -3.60
C VAL A 380 16.83 15.27 -2.17
N LEU A 381 17.96 14.83 -1.61
CA LEU A 381 18.33 15.13 -0.23
C LEU A 381 18.62 16.62 0.00
N GLN A 382 18.84 17.38 -1.06
CA GLN A 382 19.04 18.83 -0.97
C GLN A 382 17.80 19.61 -1.40
N SER A 383 17.34 19.36 -2.63
CA SER A 383 16.27 20.16 -3.24
C SER A 383 14.87 19.79 -2.76
N ALA A 384 14.56 18.49 -2.79
CA ALA A 384 13.20 18.00 -2.55
C ALA A 384 12.71 18.33 -1.14
N GLU A 385 11.39 18.37 -0.98
CA GLU A 385 10.77 18.72 0.30
C GLU A 385 10.92 17.61 1.34
N PHE A 386 10.67 17.95 2.60
CA PHE A 386 11.10 17.15 3.76
C PHE A 386 10.65 15.69 3.80
N GLU A 387 9.40 15.42 3.43
CA GLU A 387 8.87 14.04 3.47
C GLU A 387 9.66 13.09 2.58
N VAL A 388 10.26 13.62 1.53
CA VAL A 388 11.09 12.83 0.61
C VAL A 388 12.53 12.78 1.10
N LYS A 389 13.04 13.92 1.58
CA LYS A 389 14.38 13.99 2.18
C LYS A 389 14.56 12.92 3.26
N LYS A 390 13.57 12.82 4.14
CA LYS A 390 13.58 11.84 5.22
C LYS A 390 13.84 10.43 4.69
N GLU A 391 13.19 10.08 3.59
CA GLU A 391 13.34 8.75 3.00
C GLU A 391 14.70 8.59 2.32
N ALA A 392 15.12 9.65 1.61
CA ALA A 392 16.44 9.66 0.99
C ALA A 392 17.53 9.44 2.03
N ALA A 393 17.44 10.19 3.13
CA ALA A 393 18.37 10.04 4.24
C ALA A 393 18.46 8.60 4.71
N TRP A 394 17.31 7.95 4.87
CA TRP A 394 17.26 6.53 5.24
C TRP A 394 18.02 5.68 4.21
N GLY A 395 17.77 5.93 2.93
CA GLY A 395 18.44 5.20 1.86
C GLY A 395 19.95 5.30 1.92
N ILE A 396 20.45 6.49 2.25
CA ILE A 396 21.88 6.74 2.34
C ILE A 396 22.48 6.03 3.56
N SER A 397 21.89 6.27 4.74
CA SER A 397 22.40 5.70 5.98
C SER A 397 22.48 4.18 5.93
N ASN A 398 21.43 3.53 5.45
CA ASN A 398 21.37 2.08 5.38
C ASN A 398 22.47 1.48 4.50
N ALA A 399 22.86 2.20 3.45
CA ALA A 399 23.97 1.80 2.61
C ALA A 399 25.29 1.87 3.38
N THR A 400 25.48 2.95 4.15
CA THR A 400 26.71 3.14 4.92
C THR A 400 26.81 2.15 6.10
N SER A 401 25.69 1.59 6.52
CA SER A 401 25.68 0.52 7.52
C SER A 401 26.15 -0.80 6.92
N GLY A 402 25.56 -1.16 5.78
CA GLY A 402 25.93 -2.40 5.09
C GLY A 402 27.30 -2.33 4.45
N HIS A 405 32.73 -0.41 2.23
CA HIS A 405 33.95 0.36 2.48
C HIS A 405 34.36 1.15 1.24
N ASP A 406 34.60 0.44 0.14
CA ASP A 406 34.91 1.09 -1.14
C ASP A 406 33.66 1.75 -1.73
N GLN A 407 32.50 1.20 -1.39
CA GLN A 407 31.21 1.73 -1.86
C GLN A 407 30.97 3.15 -1.32
N ILE A 408 31.22 3.34 -0.03
CA ILE A 408 31.03 4.64 0.63
C ILE A 408 31.83 5.75 -0.06
N LYS A 409 33.02 5.43 -0.54
CA LYS A 409 33.87 6.42 -1.20
C LYS A 409 33.21 7.03 -2.44
N PHE A 410 32.43 6.22 -3.16
CA PHE A 410 31.66 6.71 -4.30
C PHE A 410 30.55 7.66 -3.85
N MET A 411 29.86 7.30 -2.78
CA MET A 411 28.78 8.13 -2.23
C MET A 411 29.29 9.51 -1.80
N VAL A 412 30.47 9.55 -1.21
CA VAL A 412 31.10 10.81 -0.82
C VAL A 412 31.53 11.61 -2.05
N SER A 413 32.00 10.92 -3.07
CA SER A 413 32.38 11.56 -4.33
C SER A 413 31.19 12.17 -5.07
N GLN A 414 29.98 11.71 -4.76
CA GLN A 414 28.74 12.31 -5.28
C GLN A 414 28.28 13.53 -4.48
N GLY A 415 29.06 13.93 -3.46
CA GLY A 415 28.76 15.12 -2.67
C GLY A 415 27.58 14.91 -1.75
N CYS A 416 27.58 13.79 -1.03
CA CYS A 416 26.49 13.43 -0.13
C CYS A 416 26.64 14.08 1.25
N ILE A 417 27.85 14.52 1.58
CA ILE A 417 28.15 15.03 2.93
C ILE A 417 27.38 16.33 3.24
N LYS A 418 27.58 17.36 2.42
CA LYS A 418 26.88 18.64 2.61
C LYS A 418 25.38 18.47 2.83
N PRO A 419 24.71 17.66 1.97
CA PRO A 419 23.31 17.30 2.19
C PRO A 419 23.02 16.77 3.59
N LEU A 420 23.83 15.82 4.05
CA LEU A 420 23.63 15.22 5.38
C LEU A 420 23.92 16.19 6.51
N CYS A 421 24.90 17.07 6.31
CA CYS A 421 25.30 18.01 7.35
C CYS A 421 24.22 19.03 7.68
N ASP A 422 23.65 19.66 6.67
CA ASP A 422 22.63 20.71 6.91
C ASP A 422 21.33 20.17 7.53
N LEU A 423 21.12 18.85 7.47
CA LEU A 423 20.00 18.20 8.14
C LEU A 423 20.22 17.92 9.63
N LEU A 424 21.41 18.24 10.15
CA LEU A 424 21.69 18.07 11.58
C LEU A 424 20.95 19.12 12.44
N THR A 425 20.54 20.22 11.82
CA THR A 425 19.75 21.25 12.48
C THR A 425 18.24 21.02 12.33
N CYS A 426 17.85 19.85 11.81
CA CYS A 426 16.45 19.54 11.54
C CYS A 426 15.65 19.39 12.85
N PRO A 427 14.38 19.85 12.86
CA PRO A 427 13.46 19.64 13.97
C PRO A 427 13.17 18.17 14.28
N ASP A 428 13.08 17.35 13.24
CA ASP A 428 12.82 15.91 13.40
C ASP A 428 14.05 15.21 13.95
N LEU A 429 13.94 14.63 15.15
CA LEU A 429 15.06 13.97 15.80
C LEU A 429 15.42 12.63 15.15
N LYS A 430 14.43 11.99 14.54
CA LYS A 430 14.66 10.71 13.88
C LYS A 430 15.61 10.84 12.69
N VAL A 431 15.47 11.90 11.90
CA VAL A 431 16.35 12.11 10.73
C VAL A 431 17.72 12.65 11.15
N VAL A 432 17.77 13.37 12.26
CA VAL A 432 19.04 13.86 12.81
C VAL A 432 19.91 12.69 13.25
N THR A 433 19.31 11.73 13.95
CA THR A 433 20.02 10.52 14.37
C THR A 433 20.43 9.66 13.18
N VAL A 434 19.59 9.64 12.15
CA VAL A 434 19.90 8.93 10.91
C VAL A 434 21.12 9.53 10.23
N CYS A 435 21.22 10.87 10.22
CA CYS A 435 22.35 11.57 9.62
C CYS A 435 23.64 11.38 10.41
N LEU A 436 23.53 11.42 11.75
CA LEU A 436 24.67 11.11 12.61
C LEU A 436 25.21 9.71 12.34
N GLU A 437 24.30 8.73 12.29
CA GLU A 437 24.66 7.36 11.95
C GLU A 437 25.38 7.28 10.61
N ALA A 438 24.92 8.10 9.65
CA ALA A 438 25.51 8.13 8.31
C ALA A 438 26.93 8.70 8.34
N LEU A 439 27.09 9.86 8.97
CA LEU A 439 28.38 10.54 9.03
C LEU A 439 29.39 9.75 9.85
N GLU A 440 28.91 9.07 10.90
CA GLU A 440 29.75 8.19 11.69
C GLU A 440 30.33 7.08 10.82
N ASN A 441 29.48 6.45 10.03
CA ASN A 441 29.92 5.39 9.11
C ASN A 441 30.94 5.90 8.10
N ILE A 442 30.73 7.12 7.62
CA ILE A 442 31.68 7.75 6.70
C ILE A 442 33.00 8.03 7.42
N LEU A 443 32.92 8.63 8.60
CA LEU A 443 34.11 8.94 9.39
C LEU A 443 34.92 7.70 9.78
N VAL A 444 34.24 6.58 9.95
CA VAL A 444 34.92 5.30 10.22
C VAL A 444 35.77 4.91 9.01
N VAL A 445 35.18 4.97 7.82
CA VAL A 445 35.90 4.68 6.58
C VAL A 445 36.98 5.74 6.30
N GLY A 446 36.74 6.97 6.76
CA GLY A 446 37.75 8.03 6.68
C GLY A 446 39.01 7.69 7.47
N GLU A 447 38.82 7.22 8.71
CA GLU A 447 39.94 6.77 9.55
C GLU A 447 40.60 5.53 8.96
N ALA A 448 39.79 4.64 8.41
CA ALA A 448 40.28 3.36 7.87
C ALA A 448 41.27 3.57 6.73
N GLU A 449 40.88 4.34 5.72
CA GLU A 449 41.72 4.55 4.54
C GLU A 449 42.89 5.51 4.79
N LYS A 450 42.76 6.35 5.82
CA LYS A 450 43.86 7.21 6.27
C LYS A 450 45.06 6.37 6.69
N ASN A 451 44.79 5.24 7.32
CA ASN A 451 45.83 4.34 7.82
C ASN A 451 46.29 3.34 6.75
N LEU A 452 46.78 3.86 5.62
CA LEU A 452 47.26 3.03 4.52
C LEU A 452 48.50 3.66 3.87
N GLY A 456 51.72 9.70 5.38
CA GLY A 456 51.33 10.61 6.45
C GLY A 456 50.36 11.67 5.97
N GLU A 457 49.08 11.49 6.31
CA GLU A 457 48.02 12.43 5.92
C GLU A 457 46.94 12.50 6.99
N ASP A 458 45.84 13.18 6.71
CA ASP A 458 44.71 13.34 7.64
C ASP A 458 43.52 12.48 7.20
N ASN A 459 42.44 12.56 7.98
CA ASN A 459 41.14 12.00 7.59
C ASN A 459 40.43 13.02 6.70
N LEU A 460 40.29 12.68 5.42
CA LEU A 460 39.72 13.59 4.43
C LEU A 460 38.25 13.91 4.72
N TYR A 461 37.48 12.89 5.07
CA TYR A 461 36.03 13.06 5.27
C TYR A 461 35.71 13.93 6.48
N ALA A 462 36.48 13.77 7.55
CA ALA A 462 36.37 14.64 8.72
C ALA A 462 36.69 16.09 8.35
N GLN A 463 37.68 16.26 7.48
CA GLN A 463 38.01 17.58 6.95
C GLN A 463 36.86 18.11 6.09
N MET A 464 36.34 17.25 5.21
CA MET A 464 35.19 17.60 4.37
C MET A 464 33.95 17.97 5.18
N ILE A 465 33.72 17.25 6.28
CA ILE A 465 32.63 17.57 7.20
C ILE A 465 32.85 18.95 7.82
N ASP A 466 34.08 19.22 8.26
CA ASP A 466 34.44 20.52 8.81
C ASP A 466 34.31 21.60 7.74
N GLU A 467 34.71 21.27 6.52
CA GLU A 467 34.63 22.20 5.38
C GLU A 467 33.18 22.54 5.01
N ALA A 468 32.27 21.60 5.26
CA ALA A 468 30.85 21.80 4.97
C ALA A 468 30.06 22.32 6.17
N GLU A 469 30.74 23.02 7.09
CA GLU A 469 30.12 23.57 8.31
C GLU A 469 29.47 22.49 9.17
N GLY A 470 29.90 21.25 9.02
CA GLY A 470 29.27 20.11 9.69
C GLY A 470 29.77 19.93 11.10
N LEU A 471 31.04 20.25 11.34
CA LEU A 471 31.64 20.12 12.67
C LEU A 471 31.02 21.10 13.66
N GLU A 472 30.69 22.29 13.18
CA GLU A 472 30.01 23.31 14.00
C GLU A 472 28.63 22.80 14.44
N LYS A 473 27.87 22.26 13.49
CA LYS A 473 26.54 21.72 13.77
C LYS A 473 26.59 20.56 14.76
N ILE A 474 27.58 19.69 14.61
CA ILE A 474 27.77 18.57 15.54
C ILE A 474 28.14 19.07 16.94
N GLU A 475 28.99 20.09 17.01
CA GLU A 475 29.37 20.69 18.29
C GLU A 475 28.18 21.39 18.96
N ASN A 476 27.26 21.93 18.17
CA ASN A 476 26.03 22.53 18.70
C ASN A 476 25.10 21.50 19.34
N LEU A 477 25.17 20.26 18.89
CA LEU A 477 24.34 19.18 19.44
C LEU A 477 24.67 18.84 20.89
N GLN A 478 25.79 19.37 21.39
CA GLN A 478 26.12 19.26 22.80
C GLN A 478 25.24 20.14 23.68
N SER A 479 24.58 21.14 23.07
CA SER A 479 23.60 21.99 23.77
C SER A 479 22.15 21.60 23.46
N HIS A 480 21.94 20.35 23.05
CA HIS A 480 20.65 19.88 22.55
C HIS A 480 19.79 19.26 23.65
N ASP A 481 18.46 19.37 23.50
CA ASP A 481 17.51 18.89 24.52
C ASP A 481 17.58 17.38 24.74
N ASN A 482 17.45 16.66 23.63
CA ASN A 482 17.52 15.20 23.65
C ASN A 482 18.88 14.68 24.12
N ASN A 483 18.88 13.93 25.23
CA ASN A 483 20.10 13.33 25.77
C ASN A 483 20.73 12.31 24.84
N ASP A 484 19.90 11.56 24.13
CA ASP A 484 20.37 10.55 23.18
C ASP A 484 21.19 11.17 22.05
N ILE A 485 20.78 12.35 21.60
CA ILE A 485 21.50 13.08 20.55
C ILE A 485 22.80 13.70 21.08
N TYR A 486 22.75 14.24 22.30
CA TYR A 486 23.97 14.71 22.98
C TYR A 486 25.01 13.58 23.03
N ASP A 487 24.57 12.40 23.44
CA ASP A 487 25.44 11.23 23.56
C ASP A 487 26.06 10.84 22.21
N LYS A 488 25.22 10.76 21.18
CA LYS A 488 25.69 10.42 19.84
C LYS A 488 26.63 11.50 19.28
N ALA A 489 26.35 12.76 19.60
CA ALA A 489 27.20 13.87 19.15
C ALA A 489 28.57 13.81 19.82
N VAL A 490 28.59 13.52 21.13
CA VAL A 490 29.83 13.49 21.90
C VAL A 490 30.75 12.37 21.44
N LYS A 491 30.22 11.16 21.28
CA LYS A 491 31.04 10.00 20.92
C LYS A 491 31.68 10.15 19.53
N ILE A 492 31.02 10.91 18.65
CA ILE A 492 31.58 11.22 17.33
C ILE A 492 32.78 12.15 17.47
N LEU A 493 32.66 13.14 18.35
CA LEU A 493 33.75 14.09 18.58
C LEU A 493 34.94 13.44 19.27
N GLU A 494 34.67 12.66 20.32
CA GLU A 494 35.73 12.01 21.09
C GLU A 494 36.53 10.98 20.29
N THR A 495 35.90 10.38 19.28
CA THR A 495 36.58 9.39 18.45
C THR A 495 37.33 10.01 17.27
N PHE A 496 36.78 11.06 16.66
CA PHE A 496 37.36 11.64 15.44
C PHE A 496 37.92 13.06 15.60
N TRP A 497 37.84 13.63 16.80
CA TRP A 497 38.31 15.00 17.04
C TRP A 497 38.88 15.20 18.45
N THR A 498 40.13 14.78 18.65
CA THR A 498 40.85 15.01 19.90
C THR A 498 42.31 15.37 19.62
#